data_4DLQ
#
_entry.id   4DLQ
#
_cell.length_a   124.000
_cell.length_b   124.000
_cell.length_c   77.305
_cell.angle_alpha   90.00
_cell.angle_beta   90.00
_cell.angle_gamma   120.00
#
_symmetry.space_group_name_H-M   'P 31 2 1'
#
loop_
_entity.id
_entity.type
_entity.pdbx_description
1 polymer Latrophilin-1
2 polymer Latrophilin-1
3 branched 2-acetamido-2-deoxy-beta-D-glucopyranose-(1-4)-2-acetamido-2-deoxy-beta-D-glucopyranose
4 non-polymer 2-acetamido-2-deoxy-beta-D-glucopyranose
5 non-polymer 'SULFATE ION'
6 non-polymer GLYCEROL
7 water water
#
loop_
_entity_poly.entity_id
_entity_poly.type
_entity_poly.pdbx_seq_one_letter_code
_entity_poly.pdbx_strand_id
1 'polypeptide(L)'
;ADPPAPSTRRPPAPNLHVSPELFCEPREVRRVQWPATQQGMLVERPCPKGTRGIASFQCLPALGLWNPRGPDLSNCTSPW
VNQVAQKIKSGENAANIASELARHTRGSIYAGDVSSSVKLMEQLLDILDAQLQALRPIERESAGKNYNKMHKRERTCKDY
IKAVVETVDNLLRPEALESWKDMNATEQVHTATMLLDVLEEGAFLLADNVREPARFLAAKQNVVLEVTVLSTEGQVQELV
FPQEYASESSIQLSANTIKQNSRNGVVKVVFILYNNLGLFLSTENATVKLAGEAGTGGPGGASLVVNSQVIAASINKESS
RVFLMDPVIFTVAHLEAKNHFNANCSFWNYSERSMLGYWSTQGCRLVESNKTHTTCACSHL
;
A
2 'polypeptide(L)' TNFAVLMAHREIYHHHHH B
#
# COMPACT_ATOMS: atom_id res chain seq x y z
N VAL A 18 -25.84 -34.03 -27.44
CA VAL A 18 -24.74 -33.16 -27.05
C VAL A 18 -25.21 -32.21 -25.95
N SER A 19 -24.54 -32.22 -24.80
CA SER A 19 -24.99 -31.36 -23.72
C SER A 19 -24.73 -29.87 -24.03
N PRO A 20 -25.48 -28.96 -23.40
CA PRO A 20 -25.51 -27.54 -23.78
C PRO A 20 -24.21 -26.81 -23.52
N GLU A 21 -23.91 -25.82 -24.36
CA GLU A 21 -22.83 -24.88 -24.07
C GLU A 21 -23.40 -23.73 -23.25
N LEU A 22 -22.58 -23.10 -22.41
CA LEU A 22 -23.04 -21.96 -21.61
C LEU A 22 -22.46 -20.65 -22.11
N PHE A 23 -23.25 -19.58 -22.01
CA PHE A 23 -22.87 -18.26 -22.53
C PHE A 23 -23.21 -17.19 -21.51
N CYS A 24 -22.38 -16.15 -21.43
CA CYS A 24 -22.72 -14.96 -20.65
C CYS A 24 -23.70 -14.10 -21.47
N GLU A 25 -24.57 -13.36 -20.81
CA GLU A 25 -25.55 -12.49 -21.49
C GLU A 25 -24.92 -11.15 -21.85
N PRO A 26 -25.44 -10.48 -22.89
CA PRO A 26 -25.02 -9.10 -23.14
C PRO A 26 -25.43 -8.26 -21.94
N ARG A 27 -24.56 -7.40 -21.45
CA ARG A 27 -24.81 -6.62 -20.24
C ARG A 27 -24.04 -5.33 -20.38
N GLU A 28 -24.59 -4.24 -19.83
CA GLU A 28 -23.80 -3.02 -19.64
C GLU A 28 -23.28 -3.03 -18.22
N VAL A 29 -21.95 -3.01 -18.09
CA VAL A 29 -21.31 -3.01 -16.77
C VAL A 29 -20.19 -2.01 -16.81
N ARG A 30 -20.13 -1.13 -15.80
CA ARG A 30 -19.17 -0.04 -15.77
C ARG A 30 -19.29 0.85 -16.99
N ARG A 31 -20.51 0.99 -17.49
CA ARG A 31 -20.78 1.89 -18.61
C ARG A 31 -20.12 1.46 -19.91
N VAL A 32 -19.76 0.18 -19.99
CA VAL A 32 -19.32 -0.44 -21.24
C VAL A 32 -20.34 -1.48 -21.64
N GLN A 33 -20.76 -1.49 -22.91
CA GLN A 33 -21.67 -2.52 -23.39
C GLN A 33 -20.90 -3.77 -23.76
N TRP A 34 -21.18 -4.88 -23.06
CA TRP A 34 -20.49 -6.15 -23.31
C TRP A 34 -21.38 -7.08 -24.11
N PRO A 35 -20.79 -7.79 -25.07
CA PRO A 35 -21.56 -8.70 -25.95
C PRO A 35 -21.82 -10.05 -25.31
N ALA A 36 -22.85 -10.75 -25.77
CA ALA A 36 -23.04 -12.16 -25.42
C ALA A 36 -21.74 -12.90 -25.75
N THR A 37 -21.31 -13.77 -24.84
CA THR A 37 -19.96 -14.32 -24.92
C THR A 37 -19.96 -15.78 -24.45
N GLN A 38 -19.15 -16.62 -25.08
CA GLN A 38 -19.01 -18.02 -24.66
C GLN A 38 -18.27 -18.16 -23.32
N GLN A 39 -18.70 -19.13 -22.50
CA GLN A 39 -18.02 -19.41 -21.24
C GLN A 39 -16.52 -19.54 -21.48
N GLY A 40 -15.72 -18.94 -20.59
CA GLY A 40 -14.28 -19.06 -20.66
C GLY A 40 -13.60 -17.95 -21.46
N MET A 41 -14.37 -17.19 -22.23
CA MET A 41 -13.75 -16.21 -23.11
C MET A 41 -13.55 -14.86 -22.43
N LEU A 42 -12.40 -14.23 -22.69
CA LEU A 42 -12.14 -12.86 -22.26
C LEU A 42 -12.46 -11.94 -23.42
N VAL A 43 -13.29 -10.92 -23.19
CA VAL A 43 -13.72 -9.99 -24.23
CA VAL A 43 -13.63 -10.02 -24.28
C VAL A 43 -13.09 -8.62 -24.03
N GLU A 44 -12.73 -7.94 -25.12
CA GLU A 44 -12.22 -6.57 -25.03
C GLU A 44 -13.19 -5.57 -25.67
N ARG A 45 -13.30 -4.38 -25.08
CA ARG A 45 -14.14 -3.31 -25.62
C ARG A 45 -13.50 -1.98 -25.24
N PRO A 46 -13.83 -0.88 -25.95
CA PRO A 46 -13.23 0.41 -25.60
C PRO A 46 -13.59 0.81 -24.17
N CYS A 47 -12.65 1.47 -23.50
CA CYS A 47 -12.90 2.03 -22.17
C CYS A 47 -14.10 2.97 -22.21
N PRO A 48 -14.74 3.20 -21.04
CA PRO A 48 -15.95 4.02 -21.00
C PRO A 48 -15.69 5.49 -21.34
N LYS A 49 -16.75 6.18 -21.75
CA LYS A 49 -16.67 7.59 -22.14
C LYS A 49 -15.95 8.39 -21.05
N GLY A 50 -15.02 9.24 -21.46
CA GLY A 50 -14.27 10.04 -20.49
C GLY A 50 -12.88 9.48 -20.24
N THR A 51 -12.63 8.27 -20.73
CA THR A 51 -11.33 7.67 -20.59
C THR A 51 -10.86 7.09 -21.91
N ARG A 52 -9.56 6.81 -21.99
CA ARG A 52 -9.01 6.17 -23.17
C ARG A 52 -8.36 4.85 -22.77
N GLY A 53 -8.37 3.89 -23.69
CA GLY A 53 -7.75 2.60 -23.45
C GLY A 53 -8.68 1.44 -23.78
N ILE A 54 -8.25 0.24 -23.44
CA ILE A 54 -9.04 -0.96 -23.72
C ILE A 54 -9.46 -1.64 -22.42
N ALA A 55 -10.75 -1.92 -22.30
CA ALA A 55 -11.29 -2.61 -21.12
C ALA A 55 -11.49 -4.09 -21.48
N SER A 56 -11.46 -4.96 -20.48
CA SER A 56 -11.75 -6.36 -20.74
C SER A 56 -12.69 -6.92 -19.69
N PHE A 57 -13.34 -8.05 -19.99
CA PHE A 57 -14.31 -8.63 -19.05
C PHE A 57 -14.26 -10.14 -19.27
N GLN A 58 -14.05 -10.89 -18.20
CA GLN A 58 -13.90 -12.35 -18.30
C GLN A 58 -15.26 -13.04 -18.11
N CYS A 59 -15.68 -13.81 -19.11
CA CYS A 59 -16.83 -14.70 -18.94
C CYS A 59 -16.28 -15.98 -18.30
N LEU A 60 -16.75 -16.32 -17.09
CA LEU A 60 -16.11 -17.41 -16.35
C LEU A 60 -16.24 -18.76 -17.03
N PRO A 61 -15.14 -19.52 -17.07
CA PRO A 61 -15.20 -20.88 -17.60
C PRO A 61 -16.19 -21.76 -16.83
N ALA A 62 -16.83 -22.66 -17.57
CA ALA A 62 -17.79 -23.63 -17.04
C ALA A 62 -19.10 -23.00 -16.58
N LEU A 63 -19.04 -21.83 -15.96
CA LEU A 63 -20.24 -21.20 -15.41
C LEU A 63 -21.03 -20.41 -16.43
N GLY A 64 -20.33 -19.74 -17.34
CA GLY A 64 -21.02 -18.89 -18.29
C GLY A 64 -21.73 -17.76 -17.56
N LEU A 65 -21.08 -17.26 -16.51
CA LEU A 65 -21.50 -16.05 -15.82
C LEU A 65 -20.34 -15.08 -15.88
N TRP A 66 -20.62 -13.78 -15.95
CA TRP A 66 -19.54 -12.81 -15.90
C TRP A 66 -18.78 -12.83 -14.57
N ASN A 67 -17.48 -12.57 -14.64
CA ASN A 67 -16.64 -12.39 -13.44
C ASN A 67 -17.33 -11.45 -12.46
N PRO A 68 -17.67 -11.93 -11.25
CA PRO A 68 -18.41 -11.08 -10.32
C PRO A 68 -17.59 -9.88 -9.81
N ARG A 69 -16.27 -9.90 -9.95
CA ARG A 69 -15.47 -8.75 -9.60
CA ARG A 69 -15.46 -8.73 -9.62
C ARG A 69 -15.65 -7.64 -10.65
N GLY A 70 -16.19 -8.00 -11.81
CA GLY A 70 -16.46 -6.98 -12.82
C GLY A 70 -15.36 -6.86 -13.87
N PRO A 71 -15.54 -5.95 -14.84
CA PRO A 71 -14.57 -5.71 -15.90
C PRO A 71 -13.23 -5.22 -15.35
N ASP A 72 -12.17 -5.46 -16.11
CA ASP A 72 -10.85 -4.96 -15.81
C ASP A 72 -10.68 -3.63 -16.54
N LEU A 73 -10.69 -2.54 -15.78
CA LEU A 73 -10.53 -1.20 -16.36
C LEU A 73 -9.12 -0.64 -16.10
N SER A 74 -8.17 -1.53 -15.82
CA SER A 74 -6.84 -1.07 -15.41
C SER A 74 -6.11 -0.28 -16.50
N ASN A 75 -6.51 -0.49 -17.76
CA ASN A 75 -5.91 0.22 -18.89
C ASN A 75 -6.63 1.54 -19.20
N CYS A 76 -7.68 1.87 -18.45
CA CYS A 76 -8.49 3.06 -18.72
C CYS A 76 -8.00 4.27 -17.94
N THR A 77 -7.59 5.32 -18.66
CA THR A 77 -7.05 6.52 -18.03
C THR A 77 -7.77 7.81 -18.45
N SER A 78 -7.80 8.77 -17.52
CA SER A 78 -8.32 10.10 -17.79
C SER A 78 -7.30 10.94 -18.57
N PRO A 79 -7.77 12.01 -19.23
CA PRO A 79 -6.87 12.85 -20.03
C PRO A 79 -5.70 13.42 -19.24
N TRP A 80 -5.87 13.66 -17.94
CA TRP A 80 -4.81 14.32 -17.18
C TRP A 80 -3.55 13.46 -17.05
N VAL A 81 -3.70 12.14 -17.21
CA VAL A 81 -2.55 11.26 -17.09
C VAL A 81 -1.51 11.58 -18.17
N ASN A 82 -1.95 11.75 -19.40
CA ASN A 82 -1.02 12.12 -20.47
C ASN A 82 -0.46 13.53 -20.30
N GLN A 83 -1.28 14.41 -19.73
CA GLN A 83 -0.84 15.78 -19.48
C GLN A 83 0.34 15.77 -18.52
N VAL A 84 0.24 14.97 -17.47
CA VAL A 84 1.32 14.88 -16.49
C VAL A 84 2.55 14.26 -17.12
N ALA A 85 2.34 13.20 -17.90
CA ALA A 85 3.44 12.56 -18.60
C ALA A 85 4.17 13.55 -19.51
N GLN A 86 3.42 14.49 -20.07
CA GLN A 86 3.99 15.49 -20.98
C GLN A 86 4.78 16.56 -20.25
N LYS A 87 4.37 16.87 -19.03
CA LYS A 87 5.10 17.81 -18.20
C LYS A 87 6.46 17.22 -17.83
N ILE A 88 6.51 15.91 -17.60
CA ILE A 88 7.76 15.24 -17.31
C ILE A 88 8.75 15.39 -18.48
N LYS A 89 8.25 15.19 -19.69
CA LYS A 89 9.10 15.27 -20.88
C LYS A 89 9.70 16.67 -21.05
N SER A 90 8.86 17.69 -20.87
CA SER A 90 9.30 19.07 -21.03
C SER A 90 10.26 19.52 -19.92
N GLY A 91 10.59 18.59 -19.02
CA GLY A 91 11.63 18.83 -18.03
C GLY A 91 11.28 19.67 -16.82
N GLU A 92 9.99 19.68 -16.45
CA GLU A 92 9.54 20.47 -15.31
C GLU A 92 10.03 19.88 -13.99
N ASN A 93 10.14 20.73 -12.97
CA ASN A 93 10.60 20.31 -11.65
C ASN A 93 9.72 19.19 -11.08
N ALA A 94 10.36 18.11 -10.59
CA ALA A 94 9.65 16.95 -10.05
C ALA A 94 8.68 17.28 -8.91
N ALA A 95 9.09 18.16 -8.00
CA ALA A 95 8.21 18.55 -6.91
C ALA A 95 6.95 19.24 -7.43
N ASN A 96 7.12 20.11 -8.42
CA ASN A 96 5.99 20.82 -9.03
C ASN A 96 5.04 19.87 -9.76
N ILE A 97 5.60 18.90 -10.47
CA ILE A 97 4.76 17.95 -11.17
C ILE A 97 4.01 17.09 -10.16
N ALA A 98 4.69 16.69 -9.09
CA ALA A 98 4.05 15.87 -8.08
C ALA A 98 2.87 16.61 -7.48
N SER A 99 3.01 17.92 -7.34
CA SER A 99 1.94 18.75 -6.82
C SER A 99 0.71 18.74 -7.74
N GLU A 100 0.93 18.75 -9.04
CA GLU A 100 -0.18 18.69 -9.98
C GLU A 100 -0.85 17.32 -9.90
N LEU A 101 -0.05 16.28 -9.74
CA LEU A 101 -0.59 14.93 -9.58
C LEU A 101 -1.50 14.85 -8.35
N ALA A 102 -1.09 15.46 -7.24
CA ALA A 102 -1.90 15.48 -6.03
C ALA A 102 -3.25 16.14 -6.33
N ARG A 103 -3.21 17.22 -7.10
CA ARG A 103 -4.43 17.94 -7.43
C ARG A 103 -5.35 17.05 -8.27
N HIS A 104 -4.81 16.44 -9.32
CA HIS A 104 -5.61 15.60 -10.20
C HIS A 104 -6.29 14.41 -9.48
N THR A 105 -5.63 13.87 -8.46
CA THR A 105 -6.18 12.70 -7.78
C THR A 105 -7.26 13.05 -6.74
N ARG A 106 -7.51 14.34 -6.56
CA ARG A 106 -8.57 14.79 -5.65
C ARG A 106 -9.95 14.49 -6.21
N GLY A 107 -10.05 14.41 -7.54
CA GLY A 107 -11.35 14.26 -8.18
C GLY A 107 -11.72 12.83 -8.49
N SER A 108 -12.60 12.65 -9.47
CA SER A 108 -12.97 11.33 -9.93
C SER A 108 -11.74 10.70 -10.55
N ILE A 109 -11.52 9.42 -10.29
CA ILE A 109 -10.40 8.72 -10.89
C ILE A 109 -10.78 7.30 -11.24
N TYR A 110 -10.25 6.82 -12.36
CA TYR A 110 -10.50 5.47 -12.83
C TYR A 110 -9.36 4.55 -12.45
N ALA A 111 -9.59 3.24 -12.59
CA ALA A 111 -8.59 2.24 -12.23
C ALA A 111 -7.23 2.56 -12.86
N GLY A 112 -7.24 2.90 -14.15
CA GLY A 112 -6.00 3.19 -14.84
C GLY A 112 -5.32 4.41 -14.26
N ASP A 113 -6.10 5.35 -13.74
CA ASP A 113 -5.53 6.56 -13.13
C ASP A 113 -4.79 6.22 -11.84
N VAL A 114 -5.33 5.25 -11.11
CA VAL A 114 -4.72 4.79 -9.85
C VAL A 114 -3.32 4.20 -10.11
N SER A 115 -3.23 3.20 -10.97
CA SER A 115 -1.91 2.64 -11.20
C SER A 115 -0.98 3.63 -11.90
N SER A 116 -1.52 4.47 -12.80
CA SER A 116 -0.68 5.48 -13.45
C SER A 116 -0.12 6.47 -12.44
N SER A 117 -0.94 6.87 -11.47
CA SER A 117 -0.49 7.80 -10.43
C SER A 117 0.70 7.21 -9.67
N VAL A 118 0.61 5.93 -9.34
CA VAL A 118 1.70 5.31 -8.58
C VAL A 118 2.97 5.19 -9.45
N LYS A 119 2.79 4.81 -10.70
CA LYS A 119 3.91 4.76 -11.63
C LYS A 119 4.52 6.13 -11.86
N LEU A 120 3.68 7.15 -11.96
CA LEU A 120 4.19 8.52 -12.11
C LEU A 120 4.99 8.98 -10.89
N MET A 121 4.57 8.60 -9.69
CA MET A 121 5.34 8.95 -8.49
C MET A 121 6.73 8.31 -8.50
N GLU A 122 6.81 7.07 -8.98
CA GLU A 122 8.09 6.39 -9.16
C GLU A 122 8.99 7.15 -10.13
N GLN A 123 8.43 7.50 -11.28
CA GLN A 123 9.19 8.23 -12.29
C GLN A 123 9.68 9.55 -11.73
N LEU A 124 8.79 10.25 -11.02
CA LEU A 124 9.13 11.55 -10.45
C LEU A 124 10.22 11.45 -9.39
N LEU A 125 10.22 10.36 -8.65
CA LEU A 125 11.25 10.14 -7.64
C LEU A 125 12.64 10.06 -8.30
N ASP A 126 12.73 9.36 -9.42
CA ASP A 126 13.99 9.26 -10.15
C ASP A 126 14.43 10.61 -10.70
N ILE A 127 13.48 11.37 -11.22
CA ILE A 127 13.77 12.73 -11.69
C ILE A 127 14.24 13.61 -10.53
N LEU A 128 13.57 13.47 -9.39
CA LEU A 128 13.93 14.25 -8.20
C LEU A 128 15.35 13.93 -7.76
N ASP A 129 15.67 12.65 -7.69
CA ASP A 129 16.99 12.22 -7.25
C ASP A 129 18.08 12.80 -8.16
N ALA A 130 17.77 12.86 -9.46
CA ALA A 130 18.70 13.46 -10.42
C ALA A 130 18.92 14.94 -10.12
N GLN A 131 17.83 15.68 -9.93
CA GLN A 131 17.92 17.09 -9.57
C GLN A 131 18.74 17.30 -8.29
N LEU A 132 18.57 16.40 -7.34
CA LEU A 132 19.28 16.50 -6.07
C LEU A 132 20.78 16.30 -6.24
N GLN A 133 21.17 15.35 -7.09
CA GLN A 133 22.59 15.08 -7.34
C GLN A 133 23.26 16.26 -8.06
N ALA A 134 22.47 17.05 -8.77
CA ALA A 134 22.98 18.23 -9.45
C ALA A 134 23.25 19.36 -8.46
N LEU A 135 22.66 19.27 -7.28
CA LEU A 135 22.86 20.26 -6.23
C LEU A 135 23.76 19.70 -5.13
N ARG A 136 24.58 18.72 -5.48
CA ARG A 136 25.45 18.04 -4.52
C ARG A 136 26.50 18.96 -3.92
N ASN A 148 23.54 27.08 0.62
CA ASN A 148 22.26 27.39 -0.01
C ASN A 148 21.73 26.24 -0.86
N LYS A 149 22.64 25.41 -1.35
CA LYS A 149 22.25 24.18 -2.06
C LYS A 149 21.56 23.24 -1.08
N MET A 150 22.14 23.13 0.12
CA MET A 150 21.67 22.20 1.13
C MET A 150 20.24 22.49 1.58
N HIS A 151 19.94 23.76 1.79
CA HIS A 151 18.59 24.16 2.19
C HIS A 151 17.62 24.07 1.01
N LYS A 152 18.15 24.23 -0.19
CA LYS A 152 17.37 24.07 -1.41
C LYS A 152 16.97 22.60 -1.59
N ARG A 153 17.93 21.70 -1.36
CA ARG A 153 17.66 20.28 -1.48
C ARG A 153 16.57 19.88 -0.50
N GLU A 154 16.68 20.37 0.73
CA GLU A 154 15.74 20.04 1.79
C GLU A 154 14.33 20.52 1.45
N ARG A 155 14.22 21.77 1.00
CA ARG A 155 12.93 22.34 0.63
C ARG A 155 12.28 21.54 -0.49
N THR A 156 13.09 21.17 -1.48
CA THR A 156 12.60 20.43 -2.64
C THR A 156 12.11 19.04 -2.22
N CYS A 157 12.88 18.35 -1.38
CA CYS A 157 12.46 17.03 -0.89
C CYS A 157 11.16 17.12 -0.13
N LYS A 158 11.07 18.09 0.78
CA LYS A 158 9.85 18.26 1.56
C LYS A 158 8.65 18.57 0.69
N ASP A 159 8.83 19.40 -0.33
CA ASP A 159 7.76 19.69 -1.28
C ASP A 159 7.29 18.41 -1.98
N TYR A 160 8.24 17.61 -2.46
CA TYR A 160 7.90 16.35 -3.10
C TYR A 160 7.13 15.44 -2.12
N ILE A 161 7.67 15.28 -0.92
CA ILE A 161 7.02 14.41 0.06
C ILE A 161 5.59 14.83 0.40
N LYS A 162 5.37 16.13 0.62
CA LYS A 162 4.01 16.62 0.87
C LYS A 162 3.07 16.26 -0.29
N ALA A 163 3.58 16.36 -1.51
CA ALA A 163 2.77 16.06 -2.69
C ALA A 163 2.43 14.57 -2.77
N VAL A 164 3.40 13.70 -2.49
CA VAL A 164 3.11 12.28 -2.61
C VAL A 164 2.28 11.77 -1.43
N VAL A 165 2.48 12.35 -0.26
CA VAL A 165 1.60 12.03 0.87
C VAL A 165 0.17 12.41 0.54
N GLU A 166 -0.04 13.59 -0.06
CA GLU A 166 -1.40 13.95 -0.47
C GLU A 166 -1.93 12.99 -1.52
N THR A 167 -1.09 12.64 -2.49
CA THR A 167 -1.55 11.74 -3.55
C THR A 167 -1.98 10.39 -2.96
N VAL A 168 -1.15 9.85 -2.08
CA VAL A 168 -1.51 8.60 -1.41
C VAL A 168 -2.80 8.74 -0.61
N ASP A 169 -2.93 9.83 0.14
CA ASP A 169 -4.18 10.07 0.87
C ASP A 169 -5.39 10.06 -0.07
N ASN A 170 -5.26 10.71 -1.23
CA ASN A 170 -6.34 10.75 -2.21
C ASN A 170 -6.69 9.36 -2.77
N LEU A 171 -5.68 8.53 -2.99
CA LEU A 171 -5.87 7.22 -3.59
C LEU A 171 -6.51 6.23 -2.62
N LEU A 172 -6.41 6.51 -1.33
CA LEU A 172 -6.91 5.58 -0.31
C LEU A 172 -8.20 6.05 0.33
N ARG A 173 -8.78 7.14 -0.15
CA ARG A 173 -10.02 7.58 0.46
C ARG A 173 -11.11 6.58 0.07
N PRO A 174 -12.11 6.41 0.93
CA PRO A 174 -13.13 5.37 0.73
C PRO A 174 -13.79 5.47 -0.65
N GLU A 175 -14.02 6.68 -1.15
CA GLU A 175 -14.68 6.83 -2.45
C GLU A 175 -13.79 6.45 -3.64
N ALA A 176 -12.48 6.29 -3.42
CA ALA A 176 -11.56 5.88 -4.48
C ALA A 176 -11.36 4.36 -4.55
N LEU A 177 -11.77 3.66 -3.50
CA LEU A 177 -11.50 2.23 -3.39
C LEU A 177 -12.20 1.41 -4.47
N GLU A 178 -13.40 1.82 -4.89
CA GLU A 178 -14.08 1.09 -5.96
C GLU A 178 -13.27 1.12 -7.28
N SER A 179 -12.52 2.20 -7.50
CA SER A 179 -11.68 2.27 -8.68
C SER A 179 -10.55 1.26 -8.64
N TRP A 180 -9.94 1.11 -7.46
CA TRP A 180 -8.94 0.05 -7.31
C TRP A 180 -9.56 -1.30 -7.64
N LYS A 181 -10.80 -1.52 -7.20
CA LYS A 181 -11.44 -2.82 -7.43
C LYS A 181 -11.83 -3.05 -8.90
N ASP A 182 -11.69 -2.01 -9.73
CA ASP A 182 -11.86 -2.18 -11.18
C ASP A 182 -10.58 -2.71 -11.85
N MET A 183 -9.52 -2.91 -11.08
CA MET A 183 -8.33 -3.63 -11.56
C MET A 183 -8.46 -5.09 -11.14
N ASN A 184 -7.78 -6.01 -11.83
CA ASN A 184 -7.81 -7.40 -11.36
C ASN A 184 -6.94 -7.61 -10.11
N ALA A 185 -7.05 -8.77 -9.49
CA ALA A 185 -6.40 -9.00 -8.20
C ALA A 185 -4.89 -8.76 -8.27
N THR A 186 -4.27 -9.24 -9.35
CA THR A 186 -2.82 -9.10 -9.51
C THR A 186 -2.40 -7.65 -9.67
N GLU A 187 -3.16 -6.88 -10.44
CA GLU A 187 -2.86 -5.47 -10.63
C GLU A 187 -3.04 -4.69 -9.32
N GLN A 188 -4.04 -5.06 -8.53
CA GLN A 188 -4.23 -4.41 -7.22
C GLN A 188 -3.00 -4.62 -6.34
N VAL A 189 -2.54 -5.86 -6.28
CA VAL A 189 -1.35 -6.18 -5.50
C VAL A 189 -0.11 -5.43 -6.00
N HIS A 190 0.08 -5.44 -7.31
CA HIS A 190 1.23 -4.77 -7.92
C HIS A 190 1.19 -3.29 -7.60
N THR A 191 0.01 -2.69 -7.73
CA THR A 191 -0.11 -1.26 -7.49
C THR A 191 0.08 -0.90 -6.02
N ALA A 192 -0.48 -1.71 -5.13
CA ALA A 192 -0.33 -1.44 -3.71
C ALA A 192 1.12 -1.58 -3.28
N THR A 193 1.80 -2.59 -3.82
CA THR A 193 3.19 -2.82 -3.48
C THR A 193 4.08 -1.69 -4.00
N MET A 194 3.84 -1.27 -5.24
CA MET A 194 4.60 -0.13 -5.77
C MET A 194 4.39 1.11 -4.91
N LEU A 195 3.17 1.27 -4.40
CA LEU A 195 2.83 2.44 -3.57
C LEU A 195 3.63 2.41 -2.25
N LEU A 196 3.64 1.26 -1.58
CA LEU A 196 4.43 1.07 -0.37
C LEU A 196 5.90 1.37 -0.63
N ASP A 197 6.37 0.90 -1.77
CA ASP A 197 7.79 1.03 -2.11
C ASP A 197 8.19 2.46 -2.40
N VAL A 198 7.39 3.16 -3.21
CA VAL A 198 7.66 4.54 -3.60
CA VAL A 198 7.73 4.52 -3.60
C VAL A 198 7.69 5.49 -2.41
N LEU A 199 6.70 5.35 -1.54
CA LEU A 199 6.62 6.25 -0.39
C LEU A 199 7.82 6.06 0.54
N GLU A 200 8.18 4.81 0.80
CA GLU A 200 9.36 4.55 1.62
C GLU A 200 10.63 5.12 0.97
N GLU A 201 10.80 4.91 -0.34
CA GLU A 201 11.97 5.42 -1.04
C GLU A 201 12.03 6.95 -0.99
N GLY A 202 10.88 7.58 -1.21
CA GLY A 202 10.79 9.02 -1.09
C GLY A 202 11.17 9.52 0.31
N ALA A 203 10.69 8.83 1.33
CA ALA A 203 11.02 9.18 2.73
C ALA A 203 12.53 9.11 2.99
N PHE A 204 13.19 8.07 2.47
CA PHE A 204 14.62 7.96 2.68
C PHE A 204 15.42 9.02 1.91
N LEU A 205 14.87 9.49 0.80
CA LEU A 205 15.53 10.59 0.07
C LEU A 205 15.48 11.85 0.94
N LEU A 206 14.34 12.09 1.57
CA LEU A 206 14.24 13.20 2.52
C LEU A 206 15.22 13.04 3.67
N ALA A 207 15.35 11.81 4.17
CA ALA A 207 16.23 11.56 5.30
C ALA A 207 17.68 11.89 4.95
N ASP A 208 18.01 11.80 3.65
CA ASP A 208 19.34 12.15 3.17
C ASP A 208 19.56 13.65 3.03
N ASN A 209 18.48 14.42 3.13
CA ASN A 209 18.58 15.85 2.88
C ASN A 209 18.06 16.72 4.01
N VAL A 210 18.15 16.22 5.23
CA VAL A 210 17.90 17.02 6.42
C VAL A 210 19.10 16.88 7.35
N ARG A 211 19.27 17.84 8.24
CA ARG A 211 20.38 17.80 9.18
C ARG A 211 19.89 17.39 10.56
N GLU A 212 20.61 16.45 11.17
CA GLU A 212 20.29 15.98 12.51
C GLU A 212 20.50 17.12 13.51
N PRO A 213 19.60 17.26 14.50
CA PRO A 213 18.42 16.42 14.66
C PRO A 213 17.26 16.93 13.81
N ALA A 214 16.47 16.01 13.27
CA ALA A 214 15.33 16.40 12.45
C ALA A 214 14.19 15.44 12.69
N ARG A 215 12.98 15.98 12.75
CA ARG A 215 11.80 15.14 12.75
C ARG A 215 10.77 15.79 11.84
N PHE A 216 10.23 15.03 10.90
CA PHE A 216 9.25 15.55 9.97
C PHE A 216 8.07 14.59 10.00
N LEU A 217 6.92 15.09 10.46
CA LEU A 217 5.72 14.27 10.56
C LEU A 217 4.63 14.89 9.68
N ALA A 218 3.96 14.07 8.86
CA ALA A 218 2.85 14.54 8.04
C ALA A 218 1.64 13.61 8.28
N ALA A 219 0.55 14.16 8.81
CA ALA A 219 -0.62 13.34 9.15
C ALA A 219 -1.84 13.73 8.33
N LYS A 220 -2.36 12.75 7.59
CA LYS A 220 -3.57 12.93 6.78
C LYS A 220 -4.61 11.88 7.15
N GLN A 221 -5.77 11.96 6.53
CA GLN A 221 -6.87 11.07 6.86
C GLN A 221 -6.53 9.57 6.68
N ASN A 222 -5.79 9.24 5.63
CA ASN A 222 -5.55 7.84 5.27
C ASN A 222 -4.10 7.41 5.25
N VAL A 223 -3.24 8.31 5.69
CA VAL A 223 -1.81 8.02 5.69
C VAL A 223 -1.11 8.97 6.64
N VAL A 224 -0.11 8.47 7.35
CA VAL A 224 0.73 9.31 8.21
C VAL A 224 2.15 8.89 7.95
N LEU A 225 3.05 9.86 7.84
CA LEU A 225 4.45 9.53 7.53
C LEU A 225 5.35 10.29 8.47
N GLU A 226 6.39 9.65 8.99
CA GLU A 226 7.39 10.35 9.77
C GLU A 226 8.78 9.99 9.28
N VAL A 227 9.65 11.00 9.17
CA VAL A 227 11.07 10.79 8.93
C VAL A 227 11.81 11.46 10.06
N THR A 228 12.69 10.71 10.72
CA THR A 228 13.44 11.30 11.80
C THR A 228 14.91 10.90 11.68
N VAL A 229 15.78 11.88 11.88
CA VAL A 229 17.22 11.67 11.77
C VAL A 229 17.81 12.15 13.09
N LEU A 230 18.42 11.22 13.82
CA LEU A 230 18.82 11.47 15.21
C LEU A 230 20.28 11.08 15.47
N SER A 231 20.89 11.76 16.44
CA SER A 231 22.19 11.36 16.95
C SER A 231 22.03 10.19 17.91
N THR A 232 22.96 9.24 17.83
CA THR A 232 22.96 8.09 18.73
C THR A 232 23.97 8.30 19.85
N GLU A 233 24.54 9.50 19.93
CA GLU A 233 25.50 9.82 20.97
C GLU A 233 24.77 10.17 22.27
N GLY A 234 25.17 9.53 23.37
CA GLY A 234 24.60 9.86 24.66
C GLY A 234 23.21 9.30 24.90
N GLN A 235 22.34 10.12 25.48
CA GLN A 235 21.01 9.68 25.83
C GLN A 235 20.12 9.48 24.60
N VAL A 236 19.76 8.24 24.36
CA VAL A 236 18.86 7.93 23.25
C VAL A 236 17.55 7.43 23.84
N GLN A 237 16.44 7.90 23.27
CA GLN A 237 15.13 7.50 23.75
C GLN A 237 14.47 6.56 22.73
N GLU A 238 13.50 5.78 23.20
CA GLU A 238 12.77 4.90 22.29
C GLU A 238 11.95 5.78 21.35
N LEU A 239 11.64 5.26 20.17
CA LEU A 239 10.81 6.00 19.25
C LEU A 239 9.44 5.35 19.23
N VAL A 240 8.38 6.16 19.31
CA VAL A 240 7.01 5.66 19.24
C VAL A 240 6.27 6.49 18.20
N PHE A 241 5.58 5.80 17.29
CA PHE A 241 4.89 6.46 16.18
C PHE A 241 3.46 5.92 16.10
N PRO A 242 2.46 6.77 15.77
CA PRO A 242 2.65 8.19 15.39
C PRO A 242 2.60 9.12 16.60
N GLN A 243 2.71 10.43 16.36
CA GLN A 243 2.40 11.44 17.36
C GLN A 243 1.27 12.29 16.75
N GLU A 244 0.65 13.14 17.56
CA GLU A 244 -0.39 14.07 17.08
C GLU A 244 -1.56 13.38 16.36
N TYR A 245 -1.89 12.15 16.74
CA TYR A 245 -2.85 11.38 15.92
C TYR A 245 -3.51 10.30 16.76
N ALA A 246 -4.84 10.23 16.72
CA ALA A 246 -5.56 9.25 17.56
C ALA A 246 -5.60 7.93 16.79
N SER A 247 -4.51 7.17 16.87
CA SER A 247 -4.22 6.13 15.88
C SER A 247 -4.91 4.79 16.14
N GLU A 248 -5.23 4.07 15.07
CA GLU A 248 -5.66 2.67 15.18
C GLU A 248 -4.44 1.76 15.18
N SER A 249 -3.25 2.33 15.00
CA SER A 249 -2.03 1.53 14.95
C SER A 249 -0.84 2.30 15.49
N SER A 250 0.05 1.62 16.21
CA SER A 250 1.26 2.31 16.66
C SER A 250 2.42 1.33 16.64
N ILE A 251 3.64 1.86 16.59
CA ILE A 251 4.82 1.01 16.44
C ILE A 251 5.95 1.67 17.18
N GLN A 252 6.88 0.87 17.68
CA GLN A 252 7.96 1.44 18.49
C GLN A 252 9.27 0.70 18.30
N LEU A 253 10.36 1.46 18.39
CA LEU A 253 11.71 0.90 18.32
C LEU A 253 12.43 1.31 19.59
N SER A 254 13.12 0.35 20.22
CA SER A 254 13.77 0.60 21.50
C SER A 254 14.99 1.49 21.33
N ALA A 255 15.41 2.14 22.42
CA ALA A 255 16.64 2.92 22.40
C ALA A 255 17.86 2.06 22.03
N ASN A 256 17.92 0.83 22.54
CA ASN A 256 19.02 -0.08 22.18
C ASN A 256 19.07 -0.36 20.68
N THR A 257 17.90 -0.53 20.07
CA THR A 257 17.82 -0.80 18.64
C THR A 257 18.38 0.38 17.87
N ILE A 258 18.03 1.58 18.32
CA ILE A 258 18.51 2.79 17.68
C ILE A 258 20.02 2.87 17.80
N LYS A 259 20.52 2.64 19.02
CA LYS A 259 21.96 2.64 19.28
C LYS A 259 22.69 1.61 18.43
N GLN A 260 22.14 0.39 18.41
CA GLN A 260 22.78 -0.73 17.71
C GLN A 260 22.87 -0.51 16.20
N ASN A 261 22.04 0.39 15.67
CA ASN A 261 22.01 0.64 14.24
C ASN A 261 22.59 2.01 13.84
N SER A 262 23.47 2.54 14.68
CA SER A 262 24.10 3.81 14.40
C SER A 262 24.97 3.74 13.14
N ARG A 263 24.96 4.78 12.32
CA ARG A 263 25.90 4.92 11.23
C ARG A 263 26.51 6.32 11.29
N ASN A 264 27.82 6.38 11.52
CA ASN A 264 28.49 7.67 11.66
C ASN A 264 27.78 8.52 12.69
N GLY A 265 27.43 7.89 13.80
CA GLY A 265 26.80 8.58 14.92
C GLY A 265 25.36 9.02 14.70
N VAL A 266 24.75 8.62 13.59
CA VAL A 266 23.35 8.99 13.36
C VAL A 266 22.50 7.79 12.90
N VAL A 267 21.20 7.88 13.15
CA VAL A 267 20.28 6.88 12.64
C VAL A 267 19.20 7.62 11.87
N LYS A 268 18.76 7.04 10.75
CA LYS A 268 17.65 7.59 9.97
C LYS A 268 16.51 6.60 10.05
N VAL A 269 15.34 7.07 10.50
CA VAL A 269 14.20 6.19 10.70
C VAL A 269 12.99 6.68 9.92
N VAL A 270 12.31 5.74 9.24
CA VAL A 270 11.09 6.07 8.53
C VAL A 270 9.95 5.23 9.10
N PHE A 271 8.86 5.89 9.48
CA PHE A 271 7.63 5.24 9.92
C PHE A 271 6.50 5.66 8.97
N ILE A 272 5.62 4.73 8.64
CA ILE A 272 4.45 5.08 7.85
C ILE A 272 3.26 4.24 8.32
N LEU A 273 2.05 4.80 8.29
CA LEU A 273 0.87 3.94 8.44
C LEU A 273 -0.11 4.27 7.34
N TYR A 274 -0.90 3.28 6.94
CA TYR A 274 -1.82 3.45 5.83
C TYR A 274 -3.22 3.00 6.24
N ASN A 275 -4.22 3.75 5.79
CA ASN A 275 -5.61 3.35 5.98
C ASN A 275 -6.14 2.74 4.68
N ASN A 276 -6.83 1.60 4.76
CA ASN A 276 -7.50 0.94 3.63
C ASN A 276 -6.57 0.20 2.63
N LEU A 277 -5.27 0.40 2.72
CA LEU A 277 -4.34 -0.22 1.76
C LEU A 277 -4.38 -1.75 1.84
N GLY A 278 -4.62 -2.27 3.05
CA GLY A 278 -4.62 -3.70 3.29
C GLY A 278 -5.62 -4.47 2.44
N LEU A 279 -6.68 -3.78 2.01
CA LEU A 279 -7.65 -4.37 1.08
C LEU A 279 -6.95 -4.98 -0.15
N PHE A 280 -5.84 -4.40 -0.56
CA PHE A 280 -5.23 -4.73 -1.85
C PHE A 280 -4.01 -5.63 -1.73
N LEU A 281 -3.53 -5.82 -0.52
CA LEU A 281 -2.38 -6.69 -0.29
C LEU A 281 -2.92 -8.08 -0.01
N SER A 282 -3.15 -8.82 -1.10
CA SER A 282 -3.81 -10.12 -1.08
C SER A 282 -3.23 -11.09 -0.05
N THR A 283 -4.10 -11.80 0.66
CA THR A 283 -3.67 -12.81 1.61
C THR A 283 -3.48 -14.18 0.93
N GLU A 284 -3.56 -14.25 -0.38
CA GLU A 284 -3.29 -15.51 -1.06
C GLU A 284 -1.87 -15.94 -0.70
N ASN A 285 -1.70 -17.21 -0.35
CA ASN A 285 -0.39 -17.78 0.04
C ASN A 285 0.23 -17.20 1.33
N ALA A 286 -0.56 -16.48 2.12
CA ALA A 286 -0.06 -15.96 3.40
C ALA A 286 0.36 -17.13 4.28
N THR A 287 1.49 -17.02 4.97
CA THR A 287 1.97 -18.15 5.77
C THR A 287 1.47 -18.10 7.22
N VAL A 288 0.16 -17.98 7.41
CA VAL A 288 -0.41 -17.90 8.76
C VAL A 288 -0.57 -19.29 9.33
N LYS A 289 -0.67 -19.40 10.66
CA LYS A 289 -0.94 -20.68 11.30
C LYS A 289 -2.32 -20.68 11.94
N LEU A 290 -3.26 -21.43 11.37
CA LEU A 290 -4.63 -21.49 11.91
C LEU A 290 -4.82 -22.58 12.96
N ALA A 291 -5.46 -22.22 14.07
CA ALA A 291 -5.77 -23.17 15.13
C ALA A 291 -7.21 -23.66 15.05
N GLY A 292 -7.89 -23.35 13.94
CA GLY A 292 -9.26 -23.76 13.73
C GLY A 292 -9.66 -23.56 12.28
N GLU A 293 -10.92 -23.86 11.95
CA GLU A 293 -11.41 -23.81 10.57
C GLU A 293 -11.71 -22.38 10.16
N ALA A 294 -11.26 -21.99 8.97
CA ALA A 294 -11.56 -20.66 8.43
C ALA A 294 -12.76 -20.74 7.49
N GLY A 295 -13.76 -19.89 7.73
CA GLY A 295 -14.97 -19.91 6.93
C GLY A 295 -15.13 -18.58 6.24
N THR A 296 -16.37 -18.25 5.84
CA THR A 296 -16.60 -16.97 5.19
C THR A 296 -17.92 -16.42 5.67
N GLY A 297 -18.15 -15.13 5.39
CA GLY A 297 -19.34 -14.45 5.84
C GLY A 297 -20.36 -14.32 4.71
N GLY A 298 -20.09 -15.00 3.60
CA GLY A 298 -20.98 -14.94 2.45
C GLY A 298 -20.45 -15.76 1.28
N PRO A 299 -21.27 -15.95 0.24
CA PRO A 299 -20.91 -16.82 -0.88
C PRO A 299 -19.78 -16.19 -1.67
N GLY A 300 -18.75 -16.97 -1.95
CA GLY A 300 -17.58 -16.45 -2.62
C GLY A 300 -16.75 -15.49 -1.77
N GLY A 301 -17.01 -15.48 -0.46
CA GLY A 301 -16.31 -14.56 0.44
C GLY A 301 -14.86 -14.95 0.75
N ALA A 302 -14.16 -14.03 1.40
CA ALA A 302 -12.78 -14.23 1.79
C ALA A 302 -12.74 -14.95 3.14
N SER A 303 -11.78 -15.84 3.35
CA SER A 303 -11.66 -16.49 4.67
C SER A 303 -10.46 -16.00 5.48
N LEU A 304 -9.50 -15.36 4.81
CA LEU A 304 -8.35 -14.77 5.52
C LEU A 304 -8.20 -13.34 5.01
N VAL A 305 -8.17 -12.37 5.93
CA VAL A 305 -8.12 -10.97 5.54
C VAL A 305 -7.08 -10.21 6.34
N VAL A 306 -6.58 -9.11 5.77
CA VAL A 306 -5.83 -8.13 6.55
C VAL A 306 -6.84 -7.42 7.45
N ASN A 307 -6.74 -7.60 8.77
CA ASN A 307 -7.73 -7.03 9.69
C ASN A 307 -7.16 -5.92 10.57
N SER A 308 -6.21 -5.16 10.02
CA SER A 308 -5.66 -3.98 10.70
C SER A 308 -5.15 -3.04 9.64
N GLN A 309 -4.83 -1.82 10.02
CA GLN A 309 -4.09 -0.93 9.14
C GLN A 309 -2.71 -1.55 8.89
N VAL A 310 -2.02 -1.06 7.87
CA VAL A 310 -0.65 -1.47 7.61
C VAL A 310 0.24 -0.41 8.23
N ILE A 311 1.25 -0.82 8.99
CA ILE A 311 2.10 0.15 9.67
C ILE A 311 3.53 -0.30 9.49
N ALA A 312 4.43 0.64 9.22
CA ALA A 312 5.77 0.31 8.76
C ALA A 312 6.83 0.99 9.59
N ALA A 313 7.97 0.31 9.76
CA ALA A 313 9.17 0.92 10.33
C ALA A 313 10.37 0.47 9.52
N SER A 314 11.28 1.41 9.24
CA SER A 314 12.51 1.09 8.52
C SER A 314 13.65 1.88 9.15
N ILE A 315 14.84 1.30 9.13
CA ILE A 315 16.03 1.98 9.68
C ILE A 315 17.16 2.05 8.66
N ASN A 316 17.65 3.27 8.43
CA ASN A 316 18.83 3.57 7.64
C ASN A 316 18.71 3.35 6.14
N LYS A 317 18.10 2.25 5.75
CA LYS A 317 17.88 2.01 4.33
C LYS A 317 16.68 1.10 4.13
N GLU A 318 16.09 1.21 2.96
CA GLU A 318 14.92 0.41 2.60
C GLU A 318 15.32 -1.06 2.48
N SER A 319 14.43 -1.95 2.89
CA SER A 319 14.65 -3.39 2.71
C SER A 319 15.98 -3.86 3.29
N SER A 320 16.30 -3.42 4.52
CA SER A 320 17.59 -3.76 5.10
C SER A 320 17.66 -5.23 5.48
N ARG A 321 16.52 -5.83 5.83
CA ARG A 321 16.48 -7.23 6.31
C ARG A 321 17.38 -7.41 7.53
N VAL A 322 17.48 -6.38 8.35
CA VAL A 322 18.37 -6.45 9.51
C VAL A 322 17.66 -7.20 10.64
N PHE A 323 18.41 -8.02 11.37
CA PHE A 323 17.90 -8.68 12.56
C PHE A 323 17.92 -7.73 13.75
N LEU A 324 16.84 -7.74 14.53
CA LEU A 324 16.72 -6.89 15.71
C LEU A 324 16.82 -7.71 17.00
N MET A 325 17.81 -7.41 17.81
CA MET A 325 17.96 -8.06 19.11
C MET A 325 16.79 -7.69 20.02
N ASP A 326 16.39 -6.41 19.99
CA ASP A 326 15.16 -5.95 20.61
C ASP A 326 14.11 -5.79 19.51
N PRO A 327 13.08 -6.62 19.53
CA PRO A 327 12.15 -6.61 18.37
C PRO A 327 11.39 -5.30 18.24
N VAL A 328 10.95 -5.00 17.02
CA VAL A 328 10.03 -3.90 16.82
C VAL A 328 8.68 -4.36 17.35
N ILE A 329 7.97 -3.49 18.07
CA ILE A 329 6.67 -3.86 18.65
C ILE A 329 5.61 -2.97 18.02
N PHE A 330 4.50 -3.57 17.60
CA PHE A 330 3.38 -2.77 17.09
C PHE A 330 2.06 -3.27 17.65
N THR A 331 1.11 -2.36 17.83
CA THR A 331 -0.22 -2.68 18.36
C THR A 331 -1.23 -2.11 17.39
N VAL A 332 -2.23 -2.91 17.02
CA VAL A 332 -3.25 -2.46 16.09
C VAL A 332 -4.65 -2.80 16.59
N ALA A 333 -5.60 -1.92 16.29
CA ALA A 333 -7.02 -2.21 16.48
C ALA A 333 -7.48 -3.05 15.30
N HIS A 334 -8.32 -4.04 15.55
CA HIS A 334 -8.91 -4.82 14.46
C HIS A 334 -9.93 -3.99 13.71
N LEU A 335 -9.93 -4.09 12.37
CA LEU A 335 -10.90 -3.36 11.55
C LEU A 335 -12.32 -3.85 11.80
N GLU A 336 -12.48 -5.15 11.95
CA GLU A 336 -13.78 -5.70 12.34
C GLU A 336 -13.55 -6.88 13.27
N ALA A 337 -14.00 -6.76 14.51
CA ALA A 337 -13.79 -7.84 15.48
C ALA A 337 -14.77 -8.99 15.28
N LYS A 338 -15.99 -8.65 14.88
CA LYS A 338 -17.08 -9.65 14.82
C LYS A 338 -16.75 -10.78 13.85
N ASN A 339 -16.94 -12.03 14.32
CA ASN A 339 -16.79 -13.23 13.50
C ASN A 339 -15.41 -13.40 12.89
N HIS A 340 -14.39 -12.82 13.53
CA HIS A 340 -13.01 -13.06 13.11
C HIS A 340 -12.23 -13.61 14.27
N PHE A 341 -11.19 -14.38 13.95
CA PHE A 341 -10.36 -14.98 14.99
C PHE A 341 -8.97 -15.28 14.41
N ASN A 342 -8.12 -15.85 15.25
CA ASN A 342 -6.80 -16.30 14.81
C ASN A 342 -5.89 -15.19 14.27
N ALA A 343 -5.76 -14.13 15.05
CA ALA A 343 -4.84 -13.05 14.69
C ALA A 343 -3.44 -13.63 14.45
N ASN A 344 -2.82 -13.22 13.35
CA ASN A 344 -1.43 -13.57 13.09
C ASN A 344 -0.62 -12.33 12.68
N CYS A 345 0.46 -12.09 13.40
CA CYS A 345 1.36 -10.96 13.14
C CYS A 345 2.18 -11.25 11.90
N SER A 346 2.17 -10.31 10.94
CA SER A 346 2.71 -10.60 9.62
C SER A 346 3.46 -9.40 9.04
N PHE A 347 4.32 -9.64 8.05
CA PHE A 347 4.90 -8.55 7.26
C PHE A 347 4.76 -8.82 5.78
N TRP A 348 4.77 -7.77 4.98
CA TRP A 348 4.59 -7.91 3.54
C TRP A 348 5.93 -8.24 2.89
N ASN A 349 6.09 -9.48 2.44
CA ASN A 349 7.36 -9.92 1.86
C ASN A 349 7.27 -9.80 0.36
N TYR A 350 7.98 -8.83 -0.22
CA TYR A 350 7.84 -8.60 -1.65
C TYR A 350 9.14 -8.42 -2.39
N SER A 351 9.07 -8.64 -3.71
CA SER A 351 10.22 -8.51 -4.58
C SER A 351 10.29 -7.11 -5.16
N GLU A 352 11.43 -6.44 -5.04
CA GLU A 352 11.63 -5.14 -5.64
C GLU A 352 11.52 -5.24 -7.16
N ARG A 353 11.90 -6.40 -7.69
CA ARG A 353 11.89 -6.64 -9.12
C ARG A 353 10.47 -6.72 -9.71
N SER A 354 9.65 -7.61 -9.17
CA SER A 354 8.31 -7.83 -9.71
C SER A 354 7.24 -6.97 -9.03
N MET A 355 7.58 -6.40 -7.89
CA MET A 355 6.58 -5.67 -7.08
C MET A 355 5.36 -6.52 -6.76
N LEU A 356 5.59 -7.81 -6.49
CA LEU A 356 4.53 -8.68 -5.99
C LEU A 356 5.04 -9.30 -4.69
N GLY A 357 4.12 -9.79 -3.87
CA GLY A 357 4.50 -10.26 -2.55
C GLY A 357 3.44 -11.11 -1.89
N TYR A 358 3.66 -11.45 -0.62
CA TYR A 358 2.71 -12.22 0.15
C TYR A 358 2.96 -11.88 1.63
N TRP A 359 1.98 -12.15 2.48
CA TRP A 359 2.14 -11.91 3.92
C TRP A 359 2.86 -13.09 4.56
N SER A 360 3.95 -12.80 5.28
CA SER A 360 4.73 -13.83 5.95
C SER A 360 4.71 -13.60 7.47
N THR A 361 4.69 -14.69 8.24
CA THR A 361 4.76 -14.60 9.69
C THR A 361 6.18 -14.87 10.19
N GLN A 362 7.12 -15.06 9.27
CA GLN A 362 8.49 -15.42 9.66
C GLN A 362 9.14 -14.32 10.50
N GLY A 363 9.68 -14.69 11.65
CA GLY A 363 10.31 -13.72 12.55
C GLY A 363 9.35 -12.83 13.32
N CYS A 364 8.04 -13.08 13.19
CA CYS A 364 7.04 -12.34 13.96
C CYS A 364 6.38 -13.21 15.03
N ARG A 365 6.01 -12.59 16.14
CA ARG A 365 5.42 -13.32 17.25
C ARG A 365 4.27 -12.52 17.88
N LEU A 366 3.17 -13.21 18.15
CA LEU A 366 2.04 -12.60 18.83
C LEU A 366 2.36 -12.39 20.30
N VAL A 367 2.25 -11.15 20.77
CA VAL A 367 2.53 -10.83 22.17
C VAL A 367 1.25 -10.96 23.01
N GLU A 368 0.18 -10.32 22.54
CA GLU A 368 -1.13 -10.54 23.14
C GLU A 368 -2.19 -10.17 22.13
N SER A 369 -3.39 -10.69 22.32
CA SER A 369 -4.48 -10.39 21.41
C SER A 369 -5.78 -10.61 22.17
N ASN A 370 -6.75 -9.75 21.91
CA ASN A 370 -8.10 -9.95 22.44
C ASN A 370 -9.07 -9.68 21.30
N LYS A 371 -10.34 -9.45 21.59
CA LYS A 371 -11.29 -9.34 20.49
C LYS A 371 -11.01 -8.13 19.59
N THR A 372 -10.47 -7.07 20.18
CA THR A 372 -10.39 -5.78 19.50
C THR A 372 -8.98 -5.32 19.11
N HIS A 373 -7.95 -5.88 19.74
CA HIS A 373 -6.57 -5.42 19.50
C HIS A 373 -5.59 -6.57 19.52
N THR A 374 -4.48 -6.40 18.82
CA THR A 374 -3.39 -7.35 18.86
C THR A 374 -2.06 -6.59 18.98
N THR A 375 -1.14 -7.12 19.78
CA THR A 375 0.22 -6.58 19.87
C THR A 375 1.19 -7.63 19.35
N CYS A 376 2.14 -7.19 18.53
CA CYS A 376 3.06 -8.06 17.81
C CYS A 376 4.49 -7.64 18.07
N ALA A 377 5.41 -8.60 18.00
CA ALA A 377 6.84 -8.33 18.13
C ALA A 377 7.54 -9.00 16.95
N CYS A 378 8.26 -8.25 16.13
CA CYS A 378 8.98 -8.84 15.00
CA CYS A 378 8.97 -8.87 15.01
C CYS A 378 10.48 -8.64 15.13
N SER A 379 11.26 -9.66 14.80
CA SER A 379 12.69 -9.65 15.07
C SER A 379 13.52 -9.14 13.89
N HIS A 380 12.88 -8.47 12.94
CA HIS A 380 13.62 -7.98 11.80
C HIS A 380 12.89 -6.87 11.10
N LEU A 381 13.64 -6.15 10.27
CA LEU A 381 13.04 -5.28 9.29
C LEU A 381 13.38 -5.84 7.90
N THR B 1 9.94 -1.90 6.55
CA THR B 1 9.18 -3.13 6.49
C THR B 1 7.75 -2.83 6.88
N ASN B 2 6.79 -3.45 6.18
CA ASN B 2 5.37 -3.12 6.34
C ASN B 2 4.68 -4.25 7.07
N PHE B 3 3.98 -3.93 8.16
CA PHE B 3 3.44 -4.95 9.06
C PHE B 3 1.93 -4.83 9.12
N ALA B 4 1.26 -5.93 9.47
CA ALA B 4 -0.18 -5.93 9.75
C ALA B 4 -0.56 -7.20 10.47
N VAL B 5 -1.81 -7.26 10.90
CA VAL B 5 -2.35 -8.45 11.53
C VAL B 5 -3.42 -9.07 10.62
N LEU B 6 -3.22 -10.33 10.23
CA LEU B 6 -4.22 -11.02 9.43
C LEU B 6 -5.13 -11.81 10.37
N MET B 7 -6.40 -11.94 10.01
CA MET B 7 -7.30 -12.78 10.80
C MET B 7 -8.19 -13.61 9.87
N ALA B 8 -8.61 -14.76 10.36
CA ALA B 8 -9.55 -15.61 9.63
C ALA B 8 -10.98 -15.27 9.98
N HIS B 9 -11.89 -15.52 9.04
CA HIS B 9 -13.32 -15.41 9.34
C HIS B 9 -13.74 -16.73 9.98
N ARG B 10 -14.62 -16.66 10.96
CA ARG B 10 -15.11 -17.89 11.58
CA ARG B 10 -15.14 -17.87 11.60
CA ARG B 10 -15.17 -17.86 11.61
C ARG B 10 -15.86 -18.75 10.58
N GLU B 11 -15.84 -20.05 10.83
CA GLU B 11 -16.59 -21.01 10.03
C GLU B 11 -17.64 -21.68 10.91
N ILE B 12 -17.25 -22.05 12.13
CA ILE B 12 -18.08 -22.90 12.98
C ILE B 12 -18.79 -22.09 14.05
N TYR B 13 -20.10 -22.29 14.17
CA TYR B 13 -20.89 -21.63 15.21
C TYR B 13 -21.72 -22.68 15.94
N HIS B 14 -21.67 -22.66 17.27
CA HIS B 14 -22.36 -23.67 18.08
C HIS B 14 -23.42 -22.96 18.91
N HIS B 15 -24.09 -23.70 19.77
CA HIS B 15 -25.05 -23.11 20.71
C HIS B 15 -25.77 -21.89 20.16
#